data_3B1Z
#
_entry.id   3B1Z
#
_cell.length_a   44.4
_cell.length_b   59.9
_cell.length_c   85.3
_cell.angle_alpha   90.000
_cell.angle_beta   90.000
_cell.angle_gamma   90.000
#
_symmetry.space_group_name_H-M   'P 21 21 21'
#
loop_
_entity.id
_entity.type
_entity.pdbx_description
1 polymer 'Ferrous iron uptake transporter protein B'
2 non-polymer 'SULFATE ION'
3 water water
#
_entity_poly.entity_id   1
_entity_poly.type   'polypeptide(L)'
_entity_poly.pdbx_seq_one_letter_code
;GSMTEIALIGNPNSGKTSLFNLITGHNQRVGNWPGVSVERKSGLVKKNKDLEIQDLPGIYSMSPYSPEEKVARDYLLSQR
ADSILNVVDATNLERNLYLTTQLIETGIPVTIALNMIDVLDGQGKKINVDKLSYHLGVPVVATSALKQTGVDQVVKKAAH
TTTSTVGDLAFPIYDDRLEAAISQILEVLGNSVPQRSARFYAIKLFEQDSLVEAELDLSQFQRKEIEDIIRITEEIFTED
AESIVINERYAFIERVCQMAESHTEDFALTLS
;
_entity_poly.pdbx_strand_id   A
#
# COMPACT_ATOMS: atom_id res chain seq x y z
N MET A 3 -22.06 -1.72 0.89
CA MET A 3 -21.39 -0.89 -0.14
C MET A 3 -19.87 -1.13 -0.14
N THR A 4 -19.33 -1.29 -1.36
CA THR A 4 -17.90 -1.52 -1.56
C THR A 4 -17.14 -0.19 -1.55
N GLU A 5 -16.10 -0.13 -0.70
CA GLU A 5 -15.29 1.06 -0.53
C GLU A 5 -13.88 0.81 -1.09
N ILE A 6 -13.60 1.47 -2.21
CA ILE A 6 -12.32 1.37 -2.90
C ILE A 6 -11.49 2.60 -2.56
N ALA A 7 -10.33 2.38 -1.94
CA ALA A 7 -9.42 3.45 -1.60
C ALA A 7 -8.54 3.78 -2.80
N LEU A 8 -8.59 5.03 -3.26
CA LEU A 8 -7.76 5.51 -4.35
C LEU A 8 -6.53 6.20 -3.77
N ILE A 9 -5.37 5.63 -4.08
CA ILE A 9 -4.10 6.11 -3.54
C ILE A 9 -2.96 5.93 -4.57
N GLY A 10 -2.05 6.89 -4.58
CA GLY A 10 -0.89 6.86 -5.45
C GLY A 10 0.09 7.97 -5.15
N ASN A 11 1.11 8.07 -5.98
CA ASN A 11 2.07 9.17 -5.92
C ASN A 11 1.42 10.50 -6.35
N PRO A 12 1.92 11.64 -5.84
CA PRO A 12 1.55 12.90 -6.48
C PRO A 12 2.11 12.94 -7.90
N ASN A 13 1.35 13.51 -8.83
CA ASN A 13 1.70 13.61 -10.28
C ASN A 13 1.69 12.27 -11.00
N SER A 14 0.67 11.46 -10.69
CA SER A 14 0.43 10.17 -11.33
C SER A 14 -0.92 10.18 -12.03
N GLY A 15 -1.56 11.35 -12.03
CA GLY A 15 -2.89 11.54 -12.60
C GLY A 15 -3.96 10.87 -11.75
N LYS A 16 -3.68 10.73 -10.45
CA LYS A 16 -4.57 10.11 -9.48
C LYS A 16 -5.83 10.96 -9.27
N THR A 17 -5.63 12.26 -9.05
CA THR A 17 -6.72 13.24 -8.91
C THR A 17 -7.46 13.39 -10.24
N SER A 18 -6.73 13.23 -11.35
CA SER A 18 -7.29 13.18 -12.70
C SER A 18 -8.26 11.99 -12.87
N LEU A 19 -7.82 10.81 -12.45
CA LEU A 19 -8.64 9.58 -12.52
C LEU A 19 -9.87 9.61 -11.60
N PHE A 20 -9.73 10.21 -10.42
CA PHE A 20 -10.82 10.35 -9.45
C PHE A 20 -12.02 11.08 -10.06
N ASN A 21 -11.73 12.20 -10.70
CA ASN A 21 -12.72 13.05 -11.34
C ASN A 21 -13.41 12.37 -12.52
N LEU A 22 -12.64 11.56 -13.26
CA LEU A 22 -13.15 10.83 -14.42
C LEU A 22 -13.95 9.56 -14.05
N ILE A 23 -13.83 9.11 -12.80
CA ILE A 23 -14.57 7.94 -12.30
C ILE A 23 -15.86 8.35 -11.58
N THR A 24 -15.76 9.38 -10.73
CA THR A 24 -16.87 9.83 -9.86
C THR A 24 -17.83 10.86 -10.48
N GLY A 25 -17.37 11.54 -11.53
CA GLY A 25 -18.18 12.52 -12.27
C GLY A 25 -18.42 13.83 -11.56
N HIS A 26 -19.64 14.03 -11.08
CA HIS A 26 -20.07 15.31 -10.48
C HIS A 26 -20.33 15.25 -8.97
N ASN A 27 -20.87 14.12 -8.50
CA ASN A 27 -21.14 13.93 -7.07
C ASN A 27 -19.86 13.61 -6.28
N GLN A 28 -19.30 14.67 -5.69
CA GLN A 28 -18.08 14.59 -4.88
C GLN A 28 -18.34 15.24 -3.52
N ARG A 29 -18.22 14.41 -2.48
CA ARG A 29 -18.43 14.82 -1.10
C ARG A 29 -17.11 14.99 -0.38
N VAL A 30 -16.89 16.19 0.16
CA VAL A 30 -15.63 16.53 0.83
C VAL A 30 -15.88 16.93 2.28
N GLY A 31 -15.07 16.36 3.18
CA GLY A 31 -15.12 16.62 4.61
C GLY A 31 -13.75 16.79 5.22
N ASN A 32 -13.61 16.30 6.45
CA ASN A 32 -12.37 16.40 7.21
C ASN A 32 -12.09 15.13 8.01
N TRP A 33 -10.83 14.71 8.01
CA TRP A 33 -10.37 13.56 8.79
C TRP A 33 -10.28 13.92 10.30
N PRO A 34 -10.67 12.99 11.20
CA PRO A 34 -10.72 13.28 12.65
C PRO A 34 -9.40 13.68 13.28
N GLY A 35 -9.41 14.85 13.94
CA GLY A 35 -8.26 15.38 14.66
C GLY A 35 -7.24 16.17 13.85
N VAL A 36 -7.34 16.05 12.52
CA VAL A 36 -6.37 16.70 11.61
C VAL A 36 -7.04 17.65 10.61
N SER A 37 -6.24 18.56 10.04
CA SER A 37 -6.72 19.54 9.05
C SER A 37 -6.66 19.00 7.60
N VAL A 38 -6.32 17.71 7.47
CA VAL A 38 -6.20 17.00 6.20
C VAL A 38 -7.57 16.80 5.56
N GLU A 39 -7.68 17.23 4.30
CA GLU A 39 -8.89 17.13 3.47
C GLU A 39 -9.35 15.68 3.27
N ARG A 40 -10.67 15.47 3.37
CA ARG A 40 -11.27 14.15 3.15
C ARG A 40 -12.19 14.17 1.92
N LYS A 41 -11.61 13.81 0.78
CA LYS A 41 -12.34 13.77 -0.50
C LYS A 41 -12.89 12.37 -0.75
N SER A 42 -14.11 12.32 -1.29
CA SER A 42 -14.84 11.08 -1.56
C SER A 42 -15.81 11.26 -2.74
N GLY A 43 -16.39 10.17 -3.22
CA GLY A 43 -17.35 10.21 -4.32
C GLY A 43 -17.76 8.86 -4.85
N LEU A 44 -19.01 8.74 -5.26
CA LEU A 44 -19.56 7.51 -5.82
C LEU A 44 -19.23 7.42 -7.31
N VAL A 45 -19.01 6.18 -7.79
CA VAL A 45 -18.65 5.91 -9.20
C VAL A 45 -19.81 6.29 -10.15
N LYS A 46 -19.49 7.13 -11.14
CA LYS A 46 -20.44 7.66 -12.14
C LYS A 46 -21.27 6.58 -12.84
N LYS A 47 -20.61 5.49 -13.22
CA LYS A 47 -21.24 4.39 -13.94
C LYS A 47 -21.74 3.27 -13.02
N ASN A 48 -21.21 3.22 -11.79
CA ASN A 48 -21.68 2.30 -10.76
C ASN A 48 -21.82 2.99 -9.40
N LYS A 49 -23.05 3.42 -9.11
CA LYS A 49 -23.38 4.16 -7.90
C LYS A 49 -23.28 3.35 -6.58
N ASP A 50 -23.18 2.02 -6.71
CA ASP A 50 -22.97 1.10 -5.57
C ASP A 50 -21.52 1.05 -5.05
N LEU A 51 -20.62 1.81 -5.68
CA LEU A 51 -19.22 1.86 -5.27
C LEU A 51 -18.85 3.28 -4.86
N GLU A 52 -18.36 3.42 -3.63
CA GLU A 52 -17.86 4.69 -3.14
C GLU A 52 -16.35 4.65 -3.22
N ILE A 53 -15.80 5.65 -3.92
CA ILE A 53 -14.34 5.80 -4.04
C ILE A 53 -13.85 6.83 -3.02
N GLN A 54 -12.95 6.35 -2.16
CA GLN A 54 -12.33 7.15 -1.12
C GLN A 54 -10.96 7.65 -1.56
N ASP A 55 -10.91 8.92 -1.97
CA ASP A 55 -9.64 9.55 -2.39
C ASP A 55 -8.75 9.77 -1.17
N LEU A 56 -7.52 9.29 -1.30
CA LEU A 56 -6.49 9.49 -0.28
C LEU A 56 -5.48 10.50 -0.85
N PRO A 57 -4.83 11.30 0.02
CA PRO A 57 -3.88 12.28 -0.49
C PRO A 57 -2.66 11.62 -1.16
N GLY A 58 -2.12 12.28 -2.18
CA GLY A 58 -0.96 11.79 -2.91
C GLY A 58 0.24 11.71 -1.99
N ILE A 59 0.74 10.50 -1.80
CA ILE A 59 1.88 10.23 -0.91
C ILE A 59 2.93 9.35 -1.59
N TYR A 60 4.20 9.57 -1.23
CA TYR A 60 5.30 8.78 -1.78
C TYR A 60 5.60 7.52 -0.97
N SER A 61 5.33 7.57 0.34
CA SER A 61 5.60 6.45 1.25
C SER A 61 4.55 6.35 2.35
N MET A 62 4.70 5.40 3.27
CA MET A 62 3.87 5.32 4.47
C MET A 62 4.75 5.41 5.70
N SER A 63 5.39 6.57 5.84
CA SER A 63 6.30 6.88 6.93
C SER A 63 5.56 7.54 8.10
N PRO A 64 6.15 7.53 9.32
CA PRO A 64 5.53 8.20 10.47
C PRO A 64 5.73 9.74 10.51
N TYR A 65 6.34 10.30 9.46
CA TYR A 65 6.71 11.71 9.41
C TYR A 65 5.67 12.66 8.80
N SER A 66 4.70 12.13 8.08
CA SER A 66 3.70 12.96 7.42
C SER A 66 2.27 12.70 7.92
N PRO A 67 1.48 13.78 8.13
CA PRO A 67 0.09 13.60 8.55
C PRO A 67 -0.74 12.98 7.44
N GLU A 68 -0.49 13.40 6.19
CA GLU A 68 -1.11 12.82 4.99
C GLU A 68 -0.85 11.31 4.91
N GLU A 69 0.38 10.92 5.26
CA GLU A 69 0.81 9.52 5.24
C GLU A 69 0.22 8.74 6.41
N LYS A 70 0.02 9.42 7.54
CA LYS A 70 -0.65 8.87 8.72
C LYS A 70 -2.12 8.64 8.40
N VAL A 71 -2.75 9.64 7.78
CA VAL A 71 -4.16 9.58 7.35
C VAL A 71 -4.38 8.32 6.51
N ALA A 72 -3.59 8.19 5.45
CA ALA A 72 -3.63 7.06 4.53
C ALA A 72 -3.45 5.73 5.24
N ARG A 73 -2.44 5.64 6.10
CA ARG A 73 -2.12 4.42 6.85
C ARG A 73 -3.27 4.00 7.77
N ASP A 74 -3.64 4.89 8.70
CA ASP A 74 -4.67 4.65 9.70
C ASP A 74 -5.98 4.17 9.11
N TYR A 75 -6.35 4.74 7.95
CA TYR A 75 -7.54 4.36 7.22
C TYR A 75 -7.46 2.91 6.74
N LEU A 76 -6.30 2.54 6.18
CA LEU A 76 -6.07 1.19 5.66
C LEU A 76 -5.93 0.14 6.76
N LEU A 77 -5.49 0.53 7.95
CA LEU A 77 -5.35 -0.42 9.07
C LEU A 77 -6.65 -0.57 9.88
N SER A 78 -7.55 0.41 9.77
CA SER A 78 -8.87 0.36 10.40
C SER A 78 -9.75 -0.62 9.62
N GLN A 79 -9.29 -0.95 8.42
CA GLN A 79 -9.91 -1.89 7.48
C GLN A 79 -11.31 -1.47 7.01
N ARG A 80 -11.55 -0.15 6.95
CA ARG A 80 -12.79 0.41 6.43
C ARG A 80 -12.85 0.29 4.90
N ALA A 81 -11.69 0.17 4.26
CA ALA A 81 -11.59 -0.03 2.81
C ALA A 81 -11.59 -1.51 2.47
N ASP A 82 -12.38 -1.86 1.46
CA ASP A 82 -12.49 -3.23 0.95
C ASP A 82 -11.34 -3.55 0.00
N SER A 83 -11.02 -2.57 -0.84
CA SER A 83 -10.02 -2.68 -1.88
C SER A 83 -9.11 -1.45 -1.91
N ILE A 84 -7.95 -1.62 -2.53
CA ILE A 84 -7.05 -0.51 -2.86
C ILE A 84 -6.92 -0.47 -4.37
N LEU A 85 -7.17 0.72 -4.92
CA LEU A 85 -6.92 1.02 -6.31
C LEU A 85 -5.73 1.96 -6.32
N ASN A 86 -4.57 1.37 -6.59
CA ASN A 86 -3.28 2.04 -6.60
C ASN A 86 -2.94 2.65 -7.96
N VAL A 87 -3.03 3.99 -8.05
CA VAL A 87 -2.68 4.71 -9.29
C VAL A 87 -1.16 4.87 -9.38
N VAL A 88 -0.60 4.32 -10.45
CA VAL A 88 0.84 4.25 -10.64
C VAL A 88 1.23 4.87 -11.98
N ASP A 89 2.13 5.85 -11.91
CA ASP A 89 2.70 6.50 -13.09
C ASP A 89 3.74 5.57 -13.71
N ALA A 90 3.42 5.10 -14.92
CA ALA A 90 4.28 4.17 -15.68
C ALA A 90 5.62 4.77 -16.14
N THR A 91 5.66 6.08 -16.35
CA THR A 91 6.90 6.78 -16.77
C THR A 91 7.98 6.75 -15.67
N ASN A 92 7.55 6.67 -14.42
CA ASN A 92 8.42 6.56 -13.24
C ASN A 92 8.02 5.33 -12.43
N LEU A 93 8.07 4.16 -13.08
CA LEU A 93 7.61 2.91 -12.49
C LEU A 93 8.32 2.49 -11.19
N GLU A 94 9.65 2.47 -11.21
CA GLU A 94 10.48 2.08 -10.07
C GLU A 94 10.19 2.90 -8.80
N ARG A 95 10.11 4.23 -8.97
CA ARG A 95 9.88 5.18 -7.87
C ARG A 95 8.46 5.13 -7.29
N ASN A 96 7.45 4.91 -8.14
CA ASN A 96 6.05 4.78 -7.74
C ASN A 96 5.77 3.49 -7.00
N LEU A 97 6.51 2.43 -7.36
CA LEU A 97 6.35 1.11 -6.74
C LEU A 97 6.91 0.99 -5.32
N TYR A 98 7.54 2.07 -4.82
CA TYR A 98 8.02 2.10 -3.44
C TYR A 98 6.82 2.13 -2.50
N LEU A 99 5.84 2.99 -2.82
CA LEU A 99 4.57 3.05 -2.10
C LEU A 99 3.78 1.75 -2.21
N THR A 100 3.68 1.22 -3.44
CA THR A 100 2.95 -0.01 -3.79
C THR A 100 3.32 -1.18 -2.88
N THR A 101 4.61 -1.47 -2.73
CA THR A 101 5.10 -2.56 -1.88
C THR A 101 4.54 -2.43 -0.45
N GLN A 102 4.50 -1.20 0.04
CA GLN A 102 3.96 -0.88 1.36
C GLN A 102 2.45 -1.09 1.40
N LEU A 103 1.75 -0.64 0.36
CA LEU A 103 0.29 -0.83 0.22
C LEU A 103 -0.14 -2.30 0.25
N ILE A 104 0.63 -3.15 -0.44
CA ILE A 104 0.38 -4.61 -0.50
C ILE A 104 0.52 -5.29 0.86
N GLU A 105 1.45 -4.78 1.68
CA GLU A 105 1.74 -5.31 3.02
C GLU A 105 0.65 -5.07 4.06
N THR A 106 -0.22 -4.09 3.82
CA THR A 106 -1.33 -3.74 4.73
C THR A 106 -2.40 -4.85 4.79
N GLY A 107 -2.49 -5.64 3.72
CA GLY A 107 -3.40 -6.78 3.70
C GLY A 107 -4.72 -6.51 3.03
N ILE A 108 -4.91 -5.27 2.56
CA ILE A 108 -6.06 -4.90 1.75
C ILE A 108 -5.62 -5.12 0.33
N PRO A 109 -6.35 -5.99 -0.42
CA PRO A 109 -5.96 -6.33 -1.80
C PRO A 109 -5.81 -5.09 -2.68
N VAL A 110 -4.70 -5.08 -3.42
CA VAL A 110 -4.32 -3.99 -4.30
C VAL A 110 -4.65 -4.35 -5.75
N THR A 111 -5.20 -3.37 -6.46
CA THR A 111 -5.37 -3.40 -7.90
C THR A 111 -4.57 -2.19 -8.35
N ILE A 112 -3.77 -2.36 -9.40
CA ILE A 112 -2.96 -1.27 -9.94
C ILE A 112 -3.57 -0.77 -11.23
N ALA A 113 -3.88 0.53 -11.24
CA ALA A 113 -4.22 1.22 -12.46
C ALA A 113 -2.87 1.75 -12.94
N LEU A 114 -2.31 1.06 -13.93
CA LEU A 114 -1.03 1.44 -14.53
C LEU A 114 -1.30 2.59 -15.50
N ASN A 115 -1.06 3.80 -15.01
CA ASN A 115 -1.42 5.03 -15.73
C ASN A 115 -0.35 5.61 -16.64
N MET A 116 -0.79 6.48 -17.55
CA MET A 116 0.07 7.21 -18.51
C MET A 116 0.89 6.26 -19.39
N ILE A 117 0.20 5.25 -19.89
CA ILE A 117 0.75 4.28 -20.85
C ILE A 117 1.05 5.01 -22.18
N ASP A 118 0.08 5.79 -22.64
CA ASP A 118 0.21 6.63 -23.84
C ASP A 118 1.11 7.83 -23.52
N VAL A 119 0.79 8.53 -22.42
CA VAL A 119 1.54 9.70 -21.96
C VAL A 119 2.70 9.31 -21.04
N LYS A 126 8.50 0.24 -23.00
CA LYS A 126 7.41 -0.71 -23.00
C LYS A 126 7.46 -1.65 -21.80
N ILE A 127 6.28 -1.86 -21.19
CA ILE A 127 6.12 -2.71 -20.01
C ILE A 127 5.17 -3.86 -20.34
N ASN A 128 5.53 -5.08 -19.98
CA ASN A 128 4.59 -6.18 -20.11
C ASN A 128 3.72 -6.18 -18.85
N VAL A 129 2.45 -5.85 -19.04
CA VAL A 129 1.43 -5.70 -17.98
C VAL A 129 1.28 -7.00 -17.17
N ASP A 130 1.15 -8.10 -17.89
CA ASP A 130 0.95 -9.42 -17.28
C ASP A 130 2.14 -9.90 -16.41
N LYS A 131 3.37 -9.61 -16.85
CA LYS A 131 4.57 -9.97 -16.07
C LYS A 131 4.70 -9.12 -14.79
N LEU A 132 4.30 -7.85 -14.89
CA LEU A 132 4.27 -6.96 -13.74
C LEU A 132 3.20 -7.43 -12.75
N SER A 133 2.05 -7.84 -13.28
CA SER A 133 0.96 -8.40 -12.49
C SER A 133 1.43 -9.65 -11.75
N TYR A 134 2.01 -10.58 -12.49
CA TYR A 134 2.46 -11.85 -11.96
C TYR A 134 3.52 -11.74 -10.85
N HIS A 135 4.53 -10.88 -11.04
CA HIS A 135 5.62 -10.73 -10.05
C HIS A 135 5.30 -9.85 -8.83
N LEU A 136 4.18 -9.12 -8.89
CA LEU A 136 3.70 -8.36 -7.73
C LEU A 136 2.56 -9.11 -7.07
N GLY A 137 1.95 -10.02 -7.81
CA GLY A 137 0.82 -10.84 -7.33
C GLY A 137 -0.43 -10.02 -7.13
N VAL A 138 -0.61 -8.99 -7.98
CA VAL A 138 -1.76 -8.08 -7.95
C VAL A 138 -2.29 -7.83 -9.37
N PRO A 139 -3.63 -7.65 -9.53
CA PRO A 139 -4.16 -7.27 -10.84
C PRO A 139 -3.63 -5.90 -11.27
N VAL A 140 -3.12 -5.86 -12.49
CA VAL A 140 -2.60 -4.63 -13.09
C VAL A 140 -3.40 -4.41 -14.37
N VAL A 141 -3.85 -3.18 -14.57
CA VAL A 141 -4.57 -2.79 -15.78
C VAL A 141 -3.95 -1.49 -16.32
N ALA A 142 -3.61 -1.51 -17.61
CA ALA A 142 -3.14 -0.31 -18.31
C ALA A 142 -4.34 0.63 -18.43
N THR A 143 -4.13 1.86 -17.97
CA THR A 143 -5.14 2.92 -18.05
C THR A 143 -4.58 4.15 -18.75
N SER A 144 -5.28 4.56 -19.79
CA SER A 144 -4.98 5.79 -20.52
C SER A 144 -6.28 6.59 -20.63
N ALA A 145 -6.25 7.79 -20.06
CA ALA A 145 -7.38 8.72 -20.12
C ALA A 145 -7.58 9.25 -21.54
N LEU A 146 -6.48 9.42 -22.26
CA LEU A 146 -6.44 9.92 -23.64
C LEU A 146 -7.15 8.99 -24.63
N LYS A 147 -6.79 7.71 -24.58
CA LYS A 147 -7.40 6.66 -25.39
C LYS A 147 -8.77 6.22 -24.81
N GLN A 148 -9.05 6.69 -23.59
CA GLN A 148 -10.28 6.41 -22.81
C GLN A 148 -10.56 4.90 -22.68
N THR A 149 -9.54 4.16 -22.24
CA THR A 149 -9.60 2.69 -22.14
C THR A 149 -9.18 2.17 -20.76
N GLY A 150 -9.82 1.07 -20.35
CA GLY A 150 -9.49 0.36 -19.11
C GLY A 150 -9.79 1.03 -17.78
N VAL A 151 -10.36 2.24 -17.84
CA VAL A 151 -10.76 3.00 -16.64
C VAL A 151 -11.93 2.28 -15.97
N ASP A 152 -12.91 1.88 -16.77
CA ASP A 152 -14.07 1.11 -16.29
C ASP A 152 -13.67 -0.31 -15.85
N GLN A 153 -12.67 -0.87 -16.54
CA GLN A 153 -12.19 -2.22 -16.24
C GLN A 153 -11.39 -2.28 -14.94
N VAL A 154 -10.57 -1.27 -14.70
CA VAL A 154 -9.72 -1.24 -13.50
C VAL A 154 -10.56 -1.02 -12.22
N VAL A 155 -11.65 -0.26 -12.35
CA VAL A 155 -12.59 -0.04 -11.26
C VAL A 155 -13.30 -1.36 -10.92
N LYS A 156 -13.78 -2.05 -11.96
CA LYS A 156 -14.43 -3.35 -11.83
C LYS A 156 -13.51 -4.39 -11.18
N LYS A 157 -12.23 -4.37 -11.56
CA LYS A 157 -11.24 -5.30 -11.02
C LYS A 157 -11.01 -5.06 -9.53
N ALA A 158 -10.88 -3.80 -9.13
CA ALA A 158 -10.71 -3.41 -7.72
C ALA A 158 -11.95 -3.77 -6.93
N ALA A 159 -13.11 -3.48 -7.53
CA ALA A 159 -14.44 -3.75 -6.97
C ALA A 159 -14.62 -5.20 -6.56
N HIS A 160 -14.06 -6.14 -7.33
CA HIS A 160 -14.18 -7.56 -6.96
C HIS A 160 -12.87 -8.21 -6.48
N THR A 161 -11.88 -7.36 -6.18
CA THR A 161 -10.62 -7.80 -5.57
C THR A 161 -10.60 -7.12 -4.21
N THR A 162 -11.31 -7.73 -3.27
CA THR A 162 -11.51 -7.17 -1.94
C THR A 162 -11.09 -8.13 -0.84
N THR A 163 -11.12 -7.60 0.40
CA THR A 163 -10.86 -8.38 1.62
C THR A 163 -11.83 -9.57 1.77
N SER A 164 -12.97 -9.48 1.10
CA SER A 164 -13.99 -10.53 1.12
C SER A 164 -13.73 -11.63 0.06
N THR A 165 -13.50 -11.21 -1.18
CA THR A 165 -13.39 -12.10 -2.33
C THR A 165 -12.09 -12.92 -2.43
N VAL A 166 -10.99 -12.30 -2.02
CA VAL A 166 -9.63 -12.85 -2.12
C VAL A 166 -9.25 -13.62 -0.85
N GLY A 167 -8.73 -14.84 -1.05
CA GLY A 167 -8.27 -15.70 0.03
C GLY A 167 -6.92 -15.26 0.54
N ASP A 168 -5.86 -15.93 0.08
CA ASP A 168 -4.46 -15.63 0.43
C ASP A 168 -3.86 -14.57 -0.49
N LEU A 169 -2.90 -13.82 0.05
CA LEU A 169 -2.22 -12.72 -0.66
C LEU A 169 -0.70 -12.84 -0.76
N ALA A 170 -0.17 -12.42 -1.92
CA ALA A 170 1.26 -12.44 -2.19
C ALA A 170 1.91 -11.12 -1.76
N PHE A 171 2.85 -11.23 -0.83
CA PHE A 171 3.62 -10.09 -0.31
C PHE A 171 5.01 -10.09 -0.92
N PRO A 172 5.61 -8.90 -1.14
CA PRO A 172 7.01 -8.86 -1.61
C PRO A 172 7.94 -9.58 -0.64
N ILE A 173 8.70 -10.54 -1.17
CA ILE A 173 9.66 -11.29 -0.37
C ILE A 173 11.02 -10.63 -0.56
N TYR A 174 11.66 -10.36 0.58
CA TYR A 174 12.97 -9.73 0.62
C TYR A 174 14.05 -10.78 0.89
N ASP A 175 15.25 -10.31 1.23
CA ASP A 175 16.37 -11.18 1.56
C ASP A 175 16.04 -12.14 2.71
N ASP A 176 16.66 -13.33 2.68
CA ASP A 176 16.44 -14.37 3.69
C ASP A 176 16.71 -13.90 5.11
N ARG A 177 17.73 -13.04 5.24
CA ARG A 177 18.13 -12.45 6.51
C ARG A 177 17.06 -11.54 7.09
N LEU A 178 16.44 -10.71 6.25
CA LEU A 178 15.35 -9.83 6.71
C LEU A 178 14.07 -10.64 6.96
N GLU A 179 13.81 -11.64 6.11
CA GLU A 179 12.67 -12.56 6.29
C GLU A 179 12.78 -13.30 7.63
N ALA A 180 14.00 -13.67 8.01
CA ALA A 180 14.28 -14.27 9.32
C ALA A 180 13.85 -13.32 10.44
N ALA A 181 14.21 -12.05 10.32
CA ALA A 181 13.81 -11.02 11.29
C ALA A 181 12.29 -10.85 11.33
N ILE A 182 11.65 -10.70 10.17
CA ILE A 182 10.19 -10.51 10.03
C ILE A 182 9.38 -11.64 10.67
N SER A 183 9.73 -12.88 10.38
CA SER A 183 9.03 -14.04 10.94
C SER A 183 9.22 -14.14 12.47
N GLN A 184 10.36 -13.69 12.96
CA GLN A 184 10.67 -13.72 14.39
C GLN A 184 9.98 -12.61 15.19
N ILE A 185 9.66 -11.51 14.49
CA ILE A 185 8.83 -10.43 15.03
C ILE A 185 7.37 -10.92 14.99
N LEU A 186 7.01 -11.62 13.91
CA LEU A 186 5.67 -12.22 13.75
C LEU A 186 5.32 -13.23 14.84
N GLU A 187 6.31 -14.04 15.24
CA GLU A 187 6.13 -15.04 16.30
C GLU A 187 5.92 -14.36 17.66
N VAL A 188 6.72 -13.34 17.96
CA VAL A 188 6.59 -12.62 19.23
C VAL A 188 5.35 -11.70 19.31
N LEU A 189 4.86 -11.23 18.17
CA LEU A 189 3.65 -10.39 18.16
C LEU A 189 2.38 -11.14 18.60
N GLY A 190 2.35 -12.46 18.36
CA GLY A 190 1.19 -13.29 18.68
C GLY A 190 -0.08 -12.81 18.02
N ASN A 191 -1.06 -12.46 18.84
CA ASN A 191 -2.34 -11.95 18.37
C ASN A 191 -2.54 -10.46 18.68
N SER A 192 -1.42 -9.76 18.94
CA SER A 192 -1.45 -8.34 19.29
C SER A 192 -1.79 -7.44 18.09
N VAL A 193 -1.76 -8.04 16.90
CA VAL A 193 -2.04 -7.40 15.61
C VAL A 193 -2.95 -8.32 14.78
N PRO A 194 -3.69 -7.76 13.78
CA PRO A 194 -4.49 -8.66 12.93
C PRO A 194 -3.61 -9.45 11.98
N GLN A 195 -4.06 -10.65 11.63
CA GLN A 195 -3.36 -11.52 10.68
C GLN A 195 -3.14 -10.82 9.34
N ARG A 196 -4.20 -10.19 8.84
CA ARG A 196 -4.21 -9.42 7.60
C ARG A 196 -3.04 -8.41 7.49
N SER A 197 -2.83 -7.65 8.55
CA SER A 197 -1.79 -6.61 8.60
C SER A 197 -0.54 -6.94 9.45
N ALA A 198 -0.45 -8.19 9.94
CA ALA A 198 0.67 -8.67 10.75
C ALA A 198 2.05 -8.34 10.16
N ARG A 199 2.26 -8.71 8.90
CA ARG A 199 3.52 -8.43 8.19
C ARG A 199 3.80 -6.93 8.14
N PHE A 200 2.76 -6.13 7.86
CA PHE A 200 2.89 -4.67 7.84
C PHE A 200 3.45 -4.13 9.17
N TYR A 201 2.85 -4.60 10.27
CA TYR A 201 3.24 -4.20 11.62
C TYR A 201 4.62 -4.69 12.02
N ALA A 202 5.01 -5.85 11.49
CA ALA A 202 6.30 -6.49 11.79
C ALA A 202 7.47 -5.73 11.18
N ILE A 203 7.27 -5.24 9.95
CA ILE A 203 8.26 -4.43 9.24
C ILE A 203 8.39 -3.05 9.90
N LYS A 204 7.26 -2.46 10.28
CA LYS A 204 7.26 -1.15 10.93
C LYS A 204 8.01 -1.20 12.28
N LEU A 205 7.75 -2.27 13.05
CA LEU A 205 8.46 -2.50 14.30
C LEU A 205 9.95 -2.74 14.12
N PHE A 206 10.32 -3.42 13.04
CA PHE A 206 11.72 -3.60 12.67
C PHE A 206 12.37 -2.25 12.43
N GLU A 207 11.69 -1.40 11.64
CA GLU A 207 12.11 -0.03 11.33
C GLU A 207 12.11 0.91 12.52
N GLN A 208 11.55 0.45 13.65
CA GLN A 208 11.38 1.25 14.87
C GLN A 208 10.51 2.49 14.58
N ASP A 209 9.34 2.21 13.99
CA ASP A 209 8.33 3.20 13.63
C ASP A 209 7.69 3.76 14.89
N SER A 210 7.77 5.08 15.06
CA SER A 210 7.21 5.75 16.23
C SER A 210 5.72 5.48 16.43
N LEU A 211 4.95 5.59 15.34
CA LEU A 211 3.50 5.44 15.40
C LEU A 211 3.07 4.04 15.84
N VAL A 212 3.62 3.01 15.19
CA VAL A 212 3.32 1.59 15.50
C VAL A 212 3.75 1.17 16.92
N GLU A 213 4.98 1.53 17.32
CA GLU A 213 5.51 1.29 18.67
C GLU A 213 4.63 1.86 19.76
N ALA A 214 4.05 3.04 19.50
CA ALA A 214 3.16 3.71 20.44
C ALA A 214 1.72 3.22 20.34
N GLU A 215 1.33 2.76 19.15
CA GLU A 215 -0.03 2.27 18.88
C GLU A 215 -0.33 0.95 19.58
N LEU A 216 0.61 0.02 19.52
CA LEU A 216 0.44 -1.34 20.05
C LEU A 216 0.73 -1.45 21.52
N ASP A 217 -0.10 -2.21 22.23
CA ASP A 217 0.12 -2.48 23.66
C ASP A 217 0.99 -3.74 23.76
N LEU A 218 2.31 -3.53 23.76
CA LEU A 218 3.27 -4.63 23.80
C LEU A 218 3.93 -4.77 25.16
N SER A 219 3.96 -6.03 25.63
CA SER A 219 4.53 -6.39 26.92
C SER A 219 6.04 -6.17 26.91
N GLN A 220 6.63 -6.03 28.10
CA GLN A 220 8.08 -5.84 28.28
C GLN A 220 8.87 -6.94 27.54
N PHE A 221 8.35 -8.16 27.56
CA PHE A 221 8.96 -9.30 26.88
C PHE A 221 9.02 -9.14 25.36
N GLN A 222 7.87 -8.83 24.75
CA GLN A 222 7.76 -8.64 23.30
C GLN A 222 8.69 -7.55 22.79
N ARG A 223 8.71 -6.41 23.48
CA ARG A 223 9.59 -5.27 23.17
C ARG A 223 11.08 -5.62 23.24
N LYS A 224 11.45 -6.48 24.19
CA LYS A 224 12.82 -6.95 24.39
C LYS A 224 13.25 -7.94 23.30
N GLU A 225 12.30 -8.77 22.84
CA GLU A 225 12.56 -9.73 21.76
C GLU A 225 12.76 -9.03 20.42
N ILE A 226 11.91 -8.04 20.14
CA ILE A 226 12.00 -7.23 18.92
C ILE A 226 13.37 -6.55 18.86
N GLU A 227 13.82 -5.99 20.00
CA GLU A 227 15.14 -5.36 20.13
C GLU A 227 16.29 -6.29 19.74
N ASP A 228 16.35 -7.48 20.35
CA ASP A 228 17.36 -8.50 20.07
C ASP A 228 17.42 -8.79 18.59
N ILE A 229 16.24 -8.97 17.98
CA ILE A 229 16.08 -9.25 16.56
C ILE A 229 16.63 -8.11 15.70
N ILE A 230 16.31 -6.87 16.07
CA ILE A 230 16.82 -5.69 15.36
C ILE A 230 18.34 -5.63 15.51
N ARG A 231 18.82 -5.75 16.75
CA ARG A 231 20.25 -5.68 17.07
C ARG A 231 21.08 -6.67 16.24
N ILE A 232 20.66 -7.92 16.15
CA ILE A 232 21.40 -8.96 15.42
C ILE A 232 21.33 -8.77 13.89
N THR A 233 20.17 -8.39 13.39
CA THR A 233 19.95 -8.15 11.97
C THR A 233 20.73 -6.91 11.49
N GLU A 234 20.81 -5.88 12.33
CA GLU A 234 21.64 -4.69 12.04
C GLU A 234 23.14 -5.05 11.95
N GLU A 235 23.59 -5.96 12.81
CA GLU A 235 24.98 -6.41 12.84
C GLU A 235 25.37 -7.23 11.60
N ILE A 236 24.48 -8.12 11.18
CA ILE A 236 24.72 -9.00 10.01
C ILE A 236 24.75 -8.22 8.68
N PHE A 237 24.02 -7.11 8.64
CA PHE A 237 24.03 -6.22 7.47
C PHE A 237 25.10 -5.11 7.58
N THR A 238 25.46 -4.76 8.81
CA THR A 238 26.24 -3.53 9.14
C THR A 238 25.54 -2.33 8.50
N GLU A 239 24.26 -2.20 8.82
CA GLU A 239 23.36 -1.19 8.29
C GLU A 239 22.26 -0.98 9.31
N ASP A 240 21.80 0.26 9.46
CA ASP A 240 20.70 0.55 10.39
C ASP A 240 19.39 -0.04 9.85
N ALA A 241 18.51 -0.44 10.78
CA ALA A 241 17.24 -1.13 10.49
C ALA A 241 16.38 -0.47 9.40
N GLU A 242 16.17 0.84 9.49
CA GLU A 242 15.34 1.57 8.53
C GLU A 242 15.91 1.45 7.10
N SER A 243 17.22 1.62 6.98
CA SER A 243 17.93 1.53 5.69
C SER A 243 17.83 0.15 5.05
N ILE A 244 17.87 -0.89 5.89
CA ILE A 244 17.79 -2.28 5.43
C ILE A 244 16.50 -2.45 4.63
N VAL A 245 15.38 -2.02 5.23
CA VAL A 245 14.06 -2.11 4.59
C VAL A 245 14.06 -1.32 3.27
N ILE A 246 14.51 -0.07 3.31
CA ILE A 246 14.56 0.81 2.13
C ILE A 246 15.28 0.13 0.94
N ASN A 247 16.45 -0.44 1.22
CA ASN A 247 17.26 -1.11 0.20
C ASN A 247 16.59 -2.36 -0.35
N GLU A 248 15.86 -3.05 0.53
CA GLU A 248 15.14 -4.28 0.18
C GLU A 248 13.98 -4.00 -0.75
N ARG A 249 13.25 -2.91 -0.48
CA ARG A 249 12.14 -2.47 -1.29
C ARG A 249 12.63 -2.17 -2.71
N TYR A 250 13.64 -1.30 -2.83
CA TYR A 250 14.23 -0.95 -4.13
C TYR A 250 14.81 -2.17 -4.84
N ALA A 251 15.48 -3.05 -4.09
CA ALA A 251 16.03 -4.28 -4.66
C ALA A 251 14.93 -5.15 -5.26
N PHE A 252 13.85 -5.35 -4.51
CA PHE A 252 12.66 -6.07 -4.97
C PHE A 252 12.06 -5.45 -6.24
N ILE A 253 11.89 -4.12 -6.20
CA ILE A 253 11.37 -3.34 -7.33
C ILE A 253 12.26 -3.51 -8.57
N GLU A 254 13.58 -3.46 -8.40
CA GLU A 254 14.52 -3.65 -9.51
C GLU A 254 14.42 -5.06 -10.09
N ARG A 255 14.36 -6.07 -9.21
CA ARG A 255 14.15 -7.47 -9.61
C ARG A 255 12.83 -7.62 -10.39
N VAL A 256 11.78 -6.95 -9.91
CA VAL A 256 10.45 -6.96 -10.53
C VAL A 256 10.44 -6.22 -11.87
N CYS A 257 11.09 -5.06 -11.95
CA CYS A 257 11.12 -4.25 -13.18
C CYS A 257 11.95 -4.89 -14.29
N GLN A 258 12.96 -5.67 -13.88
CA GLN A 258 13.77 -6.48 -14.79
C GLN A 258 12.85 -7.34 -15.64
N MET A 259 11.77 -7.81 -15.03
CA MET A 259 10.72 -8.56 -15.70
C MET A 259 9.80 -7.60 -16.45
#